data_1S2D
#
_entry.id   1S2D
#
_cell.length_a   79.587
_cell.length_b   79.587
_cell.length_c   184.973
_cell.angle_alpha   90.00
_cell.angle_beta   90.00
_cell.angle_gamma   90.00
#
_symmetry.space_group_name_H-M   'P 43 21 2'
#
loop_
_entity.id
_entity.type
_entity.pdbx_description
1 polymer 'Nucleoside 2-deoxyribosyltransferase'
2 non-polymer ADENINE
3 non-polymer 2-deoxy-2-fluoro-alpha-D-arabinofuranose
4 water water
#
_entity_poly.entity_id   1
_entity_poly.type   'polypeptide(L)'
_entity_poly.pdbx_seq_one_letter_code
;MKAVVPTGKIYLGSPFYSDAQRERAAKAKELLAKNPSIAHVFFPFDDGFTDPDEKNPEIGGIRSMVWRDATYQNDLTGIS
NATCGVFLYDMDQLDDGSAFEIGFMRAMHKPVILVPFTEHPEKEKKMNLMIAQGVTTIIDGNTEFEKLADYNFNECPSNP
VRGYGIY
;
_entity_poly.pdbx_strand_id   A,B,C
#
# COMPACT_ATOMS: atom_id res chain seq x y z
N MET A 1 -5.53 -15.37 9.04
CA MET A 1 -6.39 -14.19 9.31
C MET A 1 -5.91 -13.40 10.52
N LYS A 2 -5.52 -14.12 11.58
CA LYS A 2 -5.02 -13.51 12.82
C LYS A 2 -3.66 -12.85 12.60
N ALA A 3 -3.60 -11.54 12.83
CA ALA A 3 -2.39 -10.76 12.62
C ALA A 3 -1.28 -10.89 13.66
N VAL A 4 -0.06 -11.06 13.15
CA VAL A 4 1.14 -11.17 13.97
C VAL A 4 1.42 -9.79 14.58
N VAL A 5 1.07 -8.77 13.82
CA VAL A 5 1.26 -7.38 14.23
C VAL A 5 0.11 -6.57 13.63
N PRO A 6 -0.37 -5.52 14.33
CA PRO A 6 -1.46 -4.72 13.79
C PRO A 6 -1.06 -4.12 12.45
N THR A 7 -1.95 -4.19 11.47
CA THR A 7 -1.68 -3.65 10.14
C THR A 7 -2.64 -2.53 9.71
N GLY A 8 -3.71 -2.32 10.48
CA GLY A 8 -4.66 -1.27 10.14
C GLY A 8 -4.09 0.13 10.27
N LYS A 9 -4.01 0.85 9.15
CA LYS A 9 -3.51 2.22 9.14
C LYS A 9 -4.66 3.06 8.62
N ILE A 10 -5.27 3.80 9.54
CA ILE A 10 -6.43 4.63 9.29
C ILE A 10 -6.22 6.07 8.86
N TYR A 11 -7.01 6.49 7.88
CA TYR A 11 -7.03 7.86 7.42
C TYR A 11 -8.38 8.30 7.98
N LEU A 12 -8.34 9.06 9.06
CA LEU A 12 -9.55 9.53 9.70
C LEU A 12 -9.98 10.84 9.05
N GLY A 13 -10.84 10.73 8.04
CA GLY A 13 -11.33 11.90 7.35
C GLY A 13 -12.49 12.53 8.07
N SER A 14 -12.47 13.86 8.15
CA SER A 14 -13.55 14.57 8.83
C SER A 14 -13.51 16.09 8.74
N PRO A 15 -14.69 16.72 8.78
CA PRO A 15 -14.79 18.18 8.74
C PRO A 15 -14.30 18.57 10.14
N PHE A 16 -13.95 19.83 10.34
CA PHE A 16 -13.45 20.26 11.65
C PHE A 16 -13.84 21.73 11.76
N TYR A 17 -15.04 22.01 11.25
CA TYR A 17 -15.55 23.37 11.17
C TYR A 17 -16.59 23.80 12.20
N SER A 18 -17.04 22.86 13.06
CA SER A 18 -18.02 23.17 14.11
C SER A 18 -17.62 22.48 15.41
N ASP A 19 -18.38 22.72 16.47
CA ASP A 19 -18.09 22.11 17.76
C ASP A 19 -18.47 20.64 17.78
N ALA A 20 -19.60 20.32 17.17
CA ALA A 20 -20.08 18.93 17.09
C ALA A 20 -19.10 18.09 16.28
N GLN A 21 -18.62 18.65 15.17
CA GLN A 21 -17.66 17.95 14.32
C GLN A 21 -16.35 17.71 15.04
N ARG A 22 -15.88 18.72 15.77
CA ARG A 22 -14.63 18.61 16.52
C ARG A 22 -14.78 17.58 17.64
N GLU A 23 -16.01 17.47 18.17
CA GLU A 23 -16.31 16.52 19.24
C GLU A 23 -16.34 15.09 18.73
N ARG A 24 -17.01 14.86 17.60
CA ARG A 24 -17.09 13.52 17.00
C ARG A 24 -15.68 13.03 16.66
N ALA A 25 -14.84 13.93 16.17
CA ALA A 25 -13.46 13.60 15.82
C ALA A 25 -12.69 13.18 17.06
N ALA A 26 -12.94 13.87 18.18
CA ALA A 26 -12.26 13.57 19.43
C ALA A 26 -12.62 12.18 19.94
N LYS A 27 -13.89 11.82 19.84
CA LYS A 27 -14.39 10.53 20.28
C LYS A 27 -13.87 9.40 19.40
N ALA A 28 -13.86 9.63 18.07
CA ALA A 28 -13.39 8.61 17.15
C ALA A 28 -11.94 8.23 17.45
N LYS A 29 -11.11 9.22 17.75
CA LYS A 29 -9.70 9.00 18.06
C LYS A 29 -9.57 8.08 19.27
N GLU A 30 -10.37 8.34 20.30
CA GLU A 30 -10.34 7.54 21.51
C GLU A 30 -10.82 6.12 21.25
N LEU A 31 -11.89 5.98 20.47
CA LEU A 31 -12.41 4.66 20.14
C LEU A 31 -11.41 3.82 19.35
N LEU A 32 -10.83 4.42 18.31
CA LEU A 32 -9.85 3.74 17.46
C LEU A 32 -8.58 3.39 18.25
N ALA A 33 -8.26 4.21 19.25
CA ALA A 33 -7.10 3.97 20.09
C ALA A 33 -7.25 2.73 20.96
N LYS A 34 -8.48 2.21 21.02
CA LYS A 34 -8.77 1.01 21.80
C LYS A 34 -8.83 -0.24 20.92
N ASN A 35 -8.84 -0.05 19.60
CA ASN A 35 -8.91 -1.16 18.66
C ASN A 35 -7.54 -1.82 18.49
N PRO A 36 -7.42 -3.11 18.87
CA PRO A 36 -6.17 -3.87 18.76
C PRO A 36 -5.71 -4.21 17.33
N SER A 37 -6.53 -3.91 16.33
CA SER A 37 -6.16 -4.20 14.93
C SER A 37 -5.53 -3.00 14.22
N ILE A 38 -5.34 -1.90 14.94
CA ILE A 38 -4.80 -0.67 14.37
C ILE A 38 -3.35 -0.36 14.71
N ALA A 39 -2.56 -0.08 13.68
CA ALA A 39 -1.15 0.23 13.83
C ALA A 39 -0.91 1.74 13.93
N HIS A 40 -1.71 2.51 13.21
CA HIS A 40 -1.58 3.96 13.18
C HIS A 40 -2.87 4.64 12.72
N VAL A 41 -3.12 5.84 13.25
CA VAL A 41 -4.28 6.62 12.88
C VAL A 41 -3.81 8.00 12.42
N PHE A 42 -4.20 8.38 11.21
CA PHE A 42 -3.82 9.67 10.66
C PHE A 42 -5.00 10.63 10.62
N PHE A 43 -4.84 11.76 11.31
CA PHE A 43 -5.88 12.79 11.33
C PHE A 43 -5.26 14.05 10.75
N PRO A 44 -5.70 14.45 9.55
CA PRO A 44 -5.23 15.63 8.83
C PRO A 44 -5.13 16.96 9.58
N PHE A 45 -6.03 17.18 10.54
CA PHE A 45 -6.01 18.43 11.29
C PHE A 45 -5.00 18.50 12.46
N ASP A 46 -4.32 17.38 12.74
CA ASP A 46 -3.31 17.34 13.79
C ASP A 46 -2.02 17.99 13.26
N GLY A 48 0.09 20.40 11.39
CA GLY A 48 -0.02 21.39 10.33
C GLY A 48 1.31 21.91 9.81
N PHE A 49 1.32 22.43 8.58
CA PHE A 49 2.52 22.98 7.96
C PHE A 49 2.56 24.48 8.21
N THR A 50 3.77 25.02 8.37
CA THR A 50 3.97 26.45 8.60
C THR A 50 4.86 27.04 7.53
N ASP A 51 4.29 27.96 6.75
CA ASP A 51 5.01 28.64 5.68
C ASP A 51 5.64 29.89 6.28
N PRO A 52 6.98 29.95 6.33
CA PRO A 52 7.76 31.05 6.87
C PRO A 52 7.41 32.44 6.27
N ASP A 53 7.15 32.48 4.97
CA ASP A 53 6.82 33.73 4.27
C ASP A 53 5.45 34.27 4.63
N GLU A 54 4.50 33.36 4.81
CA GLU A 54 3.13 33.72 5.15
C GLU A 54 3.08 34.56 6.43
N LYS A 55 2.64 35.81 6.29
CA LYS A 55 2.56 36.73 7.42
C LYS A 55 1.31 36.53 8.29
N PRO A 57 -1.49 34.68 8.92
CA PRO A 57 -2.51 34.00 8.11
C PRO A 57 -3.67 33.53 8.97
N GLU A 58 -4.88 33.60 8.45
CA GLU A 58 -6.04 33.15 9.21
C GLU A 58 -6.84 32.10 8.47
N ILE A 59 -7.51 31.23 9.22
CA ILE A 59 -8.32 30.17 8.63
C ILE A 59 -9.46 30.81 7.86
N GLY A 60 -9.70 30.32 6.64
CA GLY A 60 -10.75 30.87 5.81
C GLY A 60 -10.29 32.09 5.03
N GLY A 61 -9.07 32.55 5.31
CA GLY A 61 -8.52 33.69 4.60
C GLY A 61 -7.68 33.20 3.45
N ILE A 62 -7.11 34.13 2.67
CA ILE A 62 -6.27 33.76 1.55
C ILE A 62 -4.97 33.17 2.09
N ARG A 63 -4.64 31.97 1.62
CA ARG A 63 -3.43 31.28 2.05
C ARG A 63 -2.41 31.26 0.92
N SER A 64 -1.11 31.21 1.26
CA SER A 64 -0.06 31.18 0.24
C SER A 64 -0.16 29.86 -0.53
N MET A 65 0.26 29.87 -1.80
CA MET A 65 0.22 28.68 -2.65
C MET A 65 1.10 27.57 -2.05
N VAL A 66 2.21 27.95 -1.43
CA VAL A 66 3.11 26.98 -0.81
C VAL A 66 2.42 26.24 0.35
N TRP A 67 1.65 26.96 1.16
CA TRP A 67 0.93 26.34 2.27
C TRP A 67 -0.12 25.41 1.72
N ARG A 68 -0.79 25.87 0.66
CA ARG A 68 -1.85 25.08 0.03
C ARG A 68 -1.28 23.76 -0.48
N ASP A 69 -0.19 23.83 -1.23
CA ASP A 69 0.45 22.64 -1.78
C ASP A 69 0.92 21.68 -0.70
N ALA A 70 1.59 22.21 0.32
CA ALA A 70 2.09 21.38 1.41
C ALA A 70 0.97 20.70 2.18
N THR A 71 -0.09 21.45 2.47
CA THR A 71 -1.22 20.90 3.23
C THR A 71 -2.03 19.92 2.40
N TYR A 72 -2.24 20.25 1.13
CA TYR A 72 -2.98 19.36 0.24
C TYR A 72 -2.23 18.05 0.11
N GLN A 73 -0.89 18.15 -0.06
CA GLN A 73 -0.09 16.94 -0.19
C GLN A 73 -0.11 16.13 1.10
N ASN A 74 -0.10 16.82 2.24
CA ASN A 74 -0.16 16.15 3.53
C ASN A 74 -1.42 15.31 3.61
N ASP A 75 -2.52 15.85 3.09
CA ASP A 75 -3.79 15.13 3.09
C ASP A 75 -3.73 13.92 2.15
N LEU A 76 -3.12 14.07 0.97
CA LEU A 76 -2.99 12.95 0.03
C LEU A 76 -2.01 11.89 0.56
N THR A 77 -0.93 12.33 1.19
CA THR A 77 0.08 11.42 1.74
C THR A 77 -0.54 10.51 2.80
N GLY A 78 -1.47 11.06 3.59
CA GLY A 78 -2.14 10.26 4.60
C GLY A 78 -2.95 9.15 3.92
N ILE A 79 -3.55 9.48 2.78
CA ILE A 79 -4.35 8.51 2.03
C ILE A 79 -3.45 7.39 1.47
N SER A 80 -2.28 7.79 0.96
CA SER A 80 -1.32 6.85 0.40
C SER A 80 -0.81 5.88 1.48
N ASN A 81 -0.39 6.41 2.63
CA ASN A 81 0.11 5.58 3.74
C ASN A 81 -0.97 4.67 4.33
N ALA A 82 -2.21 5.16 4.36
CA ALA A 82 -3.34 4.43 4.92
C ALA A 82 -3.75 3.15 4.17
N THR A 83 -4.31 2.21 4.91
CA THR A 83 -4.81 0.97 4.33
C THR A 83 -6.34 1.07 4.30
N CYS A 84 -6.87 2.00 5.08
CA CYS A 84 -8.32 2.15 5.17
C CYS A 84 -8.74 3.57 5.52
N GLY A 85 -9.90 3.95 5.01
CA GLY A 85 -10.43 5.26 5.31
C GLY A 85 -11.63 5.17 6.24
N VAL A 86 -11.68 6.04 7.25
CA VAL A 86 -12.80 6.09 8.18
C VAL A 86 -13.25 7.55 8.12
N PHE A 87 -14.48 7.76 7.65
CA PHE A 87 -15.01 9.10 7.50
C PHE A 87 -16.19 9.49 8.39
N LEU A 88 -15.95 10.47 9.28
CA LEU A 88 -16.98 11.00 10.17
C LEU A 88 -17.79 11.92 9.25
N TYR A 89 -18.71 11.32 8.53
CA TYR A 89 -19.54 12.00 7.54
C TYR A 89 -20.76 12.74 8.08
N ASP A 90 -20.72 14.07 7.97
CA ASP A 90 -21.80 14.93 8.42
C ASP A 90 -22.88 14.94 7.33
N MET A 91 -24.02 14.32 7.62
CA MET A 91 -25.13 14.25 6.68
C MET A 91 -25.95 15.54 6.61
N ASP A 92 -25.74 16.44 7.57
CA ASP A 92 -26.47 17.70 7.61
C ASP A 92 -25.77 18.80 6.83
N GLN A 93 -24.46 18.93 7.05
CA GLN A 93 -23.64 19.92 6.34
C GLN A 93 -22.59 19.13 5.57
N LEU A 94 -22.90 18.82 4.31
CA LEU A 94 -21.99 18.05 3.47
C LEU A 94 -20.61 18.67 3.34
N ASP A 95 -19.58 17.85 3.53
CA ASP A 95 -18.20 18.29 3.42
C ASP A 95 -17.61 17.78 2.12
N ASP A 96 -17.41 18.68 1.16
CA ASP A 96 -16.85 18.26 -0.12
C ASP A 96 -15.39 17.78 -0.02
N GLY A 97 -14.70 18.22 1.03
CA GLY A 97 -13.33 17.80 1.24
C GLY A 97 -13.32 16.31 1.51
N SER A 98 -14.19 15.87 2.42
CA SER A 98 -14.32 14.45 2.76
C SER A 98 -14.81 13.66 1.55
N ALA A 99 -15.75 14.23 0.80
CA ALA A 99 -16.29 13.52 -0.37
C ALA A 99 -15.20 13.30 -1.42
N PHE A 100 -14.39 14.33 -1.65
CA PHE A 100 -13.28 14.26 -2.61
C PHE A 100 -12.36 13.12 -2.18
N GLU A 101 -12.03 13.13 -0.89
CA GLU A 101 -11.15 12.13 -0.31
C GLU A 101 -11.69 10.70 -0.41
N ILE A 102 -13.00 10.54 -0.26
CA ILE A 102 -13.60 9.21 -0.38
C ILE A 102 -13.46 8.76 -1.83
N GLY A 103 -13.75 9.67 -2.77
CA GLY A 103 -13.63 9.34 -4.19
C GLY A 103 -12.19 8.99 -4.55
N PHE A 104 -11.25 9.72 -3.95
CA PHE A 104 -9.83 9.51 -4.19
C PHE A 104 -9.41 8.12 -3.71
N MET A 105 -9.85 7.75 -2.51
CA MET A 105 -9.50 6.46 -1.94
C MET A 105 -10.05 5.28 -2.72
N ARG A 106 -11.31 5.36 -3.14
CA ARG A 106 -11.91 4.28 -3.90
C ARG A 106 -11.26 4.10 -5.26
N ALA A 107 -10.77 5.19 -5.86
CA ALA A 107 -10.08 5.11 -7.14
C ALA A 107 -8.76 4.37 -6.93
N MET A 108 -8.25 4.41 -5.71
CA MET A 108 -7.01 3.70 -5.36
C MET A 108 -7.33 2.29 -4.88
N HIS A 109 -8.62 1.93 -4.93
CA HIS A 109 -9.14 0.61 -4.51
C HIS A 109 -9.03 0.33 -3.02
N LYS A 110 -8.87 1.38 -2.22
CA LYS A 110 -8.78 1.22 -0.77
C LYS A 110 -10.17 1.17 -0.13
N PRO A 111 -10.34 0.35 0.91
CA PRO A 111 -11.66 0.26 1.56
C PRO A 111 -12.02 1.54 2.34
N VAL A 112 -13.30 1.87 2.35
CA VAL A 112 -13.78 3.08 3.03
C VAL A 112 -14.91 2.82 4.00
N ILE A 113 -14.70 3.18 5.26
CA ILE A 113 -15.73 3.02 6.27
C ILE A 113 -16.44 4.36 6.43
N LEU A 114 -17.74 4.39 6.13
CA LEU A 114 -18.53 5.60 6.25
C LEU A 114 -19.17 5.59 7.63
N VAL A 115 -18.97 6.67 8.40
CA VAL A 115 -19.57 6.79 9.74
C VAL A 115 -20.44 8.04 9.73
N PRO A 116 -21.65 7.93 9.17
CA PRO A 116 -22.61 9.05 9.07
C PRO A 116 -23.18 9.54 10.40
N PHE A 117 -23.26 10.86 10.53
CA PHE A 117 -23.82 11.52 11.70
C PHE A 117 -24.87 12.51 11.24
N THR A 118 -25.97 12.58 11.97
CA THR A 118 -27.05 13.51 11.64
C THR A 118 -27.75 13.95 12.92
N GLU A 119 -28.18 15.21 12.95
CA GLU A 119 -28.87 15.73 14.12
C GLU A 119 -30.33 15.96 13.77
N HIS A 120 -30.70 15.59 12.54
CA HIS A 120 -32.05 15.75 12.04
C HIS A 120 -32.61 14.40 11.59
N PRO A 121 -32.90 13.49 12.55
CA PRO A 121 -33.43 12.16 12.24
C PRO A 121 -34.78 12.25 11.52
N GLU A 122 -35.46 13.38 11.72
CA GLU A 122 -36.76 13.64 11.10
C GLU A 122 -36.70 13.48 9.58
N LYS A 123 -35.71 14.12 8.97
CA LYS A 123 -35.52 14.05 7.53
C LYS A 123 -35.34 12.62 7.03
N GLU A 124 -35.97 12.31 5.90
CA GLU A 124 -35.89 10.99 5.31
C GLU A 124 -34.43 10.64 5.05
N LYS A 125 -34.02 9.44 5.45
CA LYS A 125 -32.65 8.97 5.27
C LYS A 125 -32.35 8.89 3.78
N LYS A 126 -31.58 9.85 3.29
CA LYS A 126 -31.19 9.91 1.89
C LYS A 126 -29.66 10.02 1.78
N MET A 127 -29.11 9.57 0.66
CA MET A 127 -27.66 9.61 0.45
C MET A 127 -27.34 9.63 -1.03
N ASN A 128 -26.31 10.37 -1.42
CA ASN A 128 -25.92 10.42 -2.81
C ASN A 128 -25.46 9.03 -3.25
N LEU A 129 -25.78 8.68 -4.49
CA LEU A 129 -25.44 7.38 -5.06
C LEU A 129 -23.96 7.07 -4.97
N MET A 130 -23.13 8.05 -5.29
CA MET A 130 -21.68 7.86 -5.28
C MET A 130 -21.14 7.46 -3.92
N ILE A 131 -21.69 8.06 -2.87
CA ILE A 131 -21.25 7.73 -1.50
C ILE A 131 -21.82 6.38 -1.07
N ALA A 132 -23.08 6.16 -1.40
CA ALA A 132 -23.77 4.91 -1.05
C ALA A 132 -23.14 3.67 -1.69
N GLN A 133 -22.69 3.82 -2.93
CA GLN A 133 -22.10 2.71 -3.67
C GLN A 133 -20.58 2.71 -3.61
N GLY A 134 -20.00 3.88 -3.37
CA GLY A 134 -18.55 3.99 -3.27
C GLY A 134 -18.02 3.42 -1.99
N VAL A 135 -18.69 3.72 -0.88
CA VAL A 135 -18.26 3.21 0.42
C VAL A 135 -18.39 1.69 0.49
N THR A 136 -17.43 1.05 1.15
CA THR A 136 -17.39 -0.41 1.27
C THR A 136 -18.03 -0.93 2.55
N THR A 137 -17.99 -0.11 3.60
CA THR A 137 -18.54 -0.50 4.89
C THR A 137 -19.20 0.70 5.55
N ILE A 138 -20.38 0.49 6.14
CA ILE A 138 -21.05 1.59 6.81
C ILE A 138 -21.29 1.26 8.28
N ILE A 139 -20.93 2.20 9.14
CA ILE A 139 -21.11 2.09 10.59
C ILE A 139 -21.83 3.36 11.02
N ASP A 140 -23.07 3.24 11.48
CA ASP A 140 -23.86 4.40 11.89
C ASP A 140 -23.23 5.14 13.06
N GLY A 141 -22.92 6.42 12.84
CA GLY A 141 -22.31 7.22 13.88
C GLY A 141 -23.22 7.58 15.05
N ASN A 142 -24.52 7.69 14.80
CA ASN A 142 -25.47 8.04 15.84
C ASN A 142 -25.86 6.85 16.72
N THR A 143 -25.90 5.67 16.11
CA THR A 143 -26.30 4.46 16.81
C THR A 143 -25.20 3.42 17.05
N GLU A 144 -24.20 3.35 16.18
CA GLU A 144 -23.13 2.35 16.31
C GLU A 144 -21.70 2.90 16.36
N PHE A 145 -21.55 4.16 16.77
CA PHE A 145 -20.23 4.80 16.83
C PHE A 145 -19.15 3.97 17.50
N GLU A 146 -19.51 3.33 18.62
CA GLU A 146 -18.59 2.51 19.42
C GLU A 146 -17.99 1.29 18.73
N LYS A 147 -18.60 0.85 17.63
CA LYS A 147 -18.10 -0.32 16.89
C LYS A 147 -16.71 -0.10 16.28
N LEU A 148 -16.27 1.16 16.22
CA LEU A 148 -14.95 1.50 15.69
C LEU A 148 -13.86 0.94 16.58
N ALA A 149 -14.17 0.76 17.85
CA ALA A 149 -13.20 0.25 18.81
C ALA A 149 -12.98 -1.25 18.67
N ASP A 150 -13.87 -1.93 17.95
CA ASP A 150 -13.77 -3.37 17.79
C ASP A 150 -13.65 -3.90 16.36
N TYR A 151 -14.02 -3.07 15.38
CA TYR A 151 -13.96 -3.44 13.96
C TYR A 151 -12.58 -3.99 13.62
N ASN A 152 -12.55 -5.05 12.80
CA ASN A 152 -11.27 -5.65 12.42
C ASN A 152 -10.69 -4.96 11.20
N PHE A 153 -9.79 -4.01 11.45
CA PHE A 153 -9.13 -3.28 10.38
C PHE A 153 -8.00 -4.05 9.68
N ASN A 154 -7.75 -5.28 10.12
CA ASN A 154 -6.74 -6.12 9.48
C ASN A 154 -7.37 -6.72 8.22
N GLU A 155 -8.70 -6.88 8.23
CA GLU A 155 -9.43 -7.49 7.13
C GLU A 155 -10.42 -6.51 6.51
N CYS A 156 -10.91 -5.53 7.27
CA CYS A 156 -11.88 -4.54 6.79
C CYS A 156 -13.07 -5.20 6.07
N PRO A 157 -13.83 -6.05 6.78
CA PRO A 157 -14.99 -6.73 6.20
C PRO A 157 -16.03 -5.76 5.67
N SER A 158 -16.58 -6.05 4.50
CA SER A 158 -17.57 -5.20 3.87
C SER A 158 -18.93 -5.22 4.58
N ASN A 159 -19.68 -4.14 4.38
CA ASN A 159 -21.02 -3.98 4.94
C ASN A 159 -21.69 -2.88 4.13
N PRO A 160 -22.29 -3.25 2.99
CA PRO A 160 -22.98 -2.36 2.05
C PRO A 160 -24.04 -1.46 2.68
N VAL A 161 -24.11 -0.23 2.18
CA VAL A 161 -25.09 0.73 2.64
C VAL A 161 -26.48 0.28 2.22
N ARG A 162 -27.41 0.30 3.17
CA ARG A 162 -28.80 -0.11 2.95
C ARG A 162 -29.75 0.77 3.76
N GLY A 163 -31.03 0.74 3.41
CA GLY A 163 -32.02 1.53 4.14
C GLY A 163 -32.01 3.01 3.81
N TYR A 164 -31.08 3.43 2.96
CA TYR A 164 -30.98 4.83 2.55
C TYR A 164 -31.57 5.02 1.17
N GLY A 165 -32.39 6.05 1.01
CA GLY A 165 -32.94 6.34 -0.30
C GLY A 165 -31.84 7.05 -1.07
N ILE A 166 -31.76 6.85 -2.37
CA ILE A 166 -30.73 7.49 -3.18
C ILE A 166 -31.16 8.91 -3.56
N TYR A 167 -30.30 9.90 -3.30
CA TYR A 167 -30.60 11.32 -3.61
C TYR A 167 -31.34 11.49 -4.93
N MET B 1 -1.27 10.51 14.40
CA MET B 1 -0.80 10.46 15.82
C MET B 1 0.21 9.35 16.06
N LYS B 2 0.57 9.12 17.33
CA LYS B 2 1.54 8.09 17.72
C LYS B 2 1.22 6.70 17.20
N ALA B 3 2.22 6.07 16.56
CA ALA B 3 2.06 4.73 16.00
C ALA B 3 2.35 3.66 17.03
N VAL B 4 1.53 2.61 17.04
CA VAL B 4 1.68 1.47 17.96
C VAL B 4 2.91 0.66 17.58
N VAL B 5 3.21 0.66 16.27
CA VAL B 5 4.37 -0.03 15.73
C VAL B 5 4.92 0.84 14.60
N PRO B 6 6.20 0.70 14.26
CA PRO B 6 6.79 1.51 13.17
C PRO B 6 6.05 1.11 11.88
N THR B 7 5.72 2.08 11.04
CA THR B 7 4.99 1.78 9.80
C THR B 7 5.68 2.27 8.52
N GLY B 8 6.74 3.05 8.68
CA GLY B 8 7.47 3.54 7.53
C GLY B 8 8.26 2.47 6.82
N LYS B 9 8.00 2.27 5.53
CA LYS B 9 8.75 1.30 4.73
C LYS B 9 9.38 2.11 3.61
N ILE B 10 10.69 2.30 3.73
CA ILE B 10 11.47 3.11 2.81
C ILE B 10 12.03 2.48 1.56
N TYR B 11 11.89 3.20 0.45
CA TYR B 11 12.50 2.78 -0.80
C TYR B 11 13.67 3.74 -0.91
N LEU B 12 14.86 3.27 -0.55
CA LEU B 12 16.03 4.11 -0.60
C LEU B 12 16.61 4.10 -2.00
N GLY B 13 16.19 5.08 -2.80
CA GLY B 13 16.64 5.21 -4.17
C GLY B 13 17.97 5.93 -4.24
N SER B 14 18.86 5.45 -5.09
CA SER B 14 20.18 6.06 -5.18
C SER B 14 21.08 5.49 -6.26
N PRO B 15 21.91 6.35 -6.86
CA PRO B 15 22.84 5.87 -7.89
C PRO B 15 23.90 5.11 -7.06
N PHE B 16 24.66 4.22 -7.68
CA PHE B 16 25.66 3.45 -6.94
C PHE B 16 26.83 3.23 -7.86
N TYR B 17 27.26 4.31 -8.50
CA TYR B 17 28.32 4.24 -9.48
C TYR B 17 29.66 4.89 -9.12
N SER B 18 29.66 5.85 -8.20
CA SER B 18 30.90 6.51 -7.77
C SER B 18 31.15 6.21 -6.30
N ASP B 19 32.36 6.49 -5.82
CA ASP B 19 32.70 6.26 -4.41
C ASP B 19 31.89 7.17 -3.51
N ALA B 20 31.74 8.42 -3.92
CA ALA B 20 30.96 9.38 -3.14
C ALA B 20 29.50 8.93 -3.04
N GLN B 21 28.95 8.40 -4.14
CA GLN B 21 27.57 7.93 -4.16
C GLN B 21 27.37 6.76 -3.21
N ARG B 22 28.28 5.78 -3.27
CA ARG B 22 28.15 4.63 -2.40
C ARG B 22 28.40 4.97 -0.94
N GLU B 23 29.18 6.01 -0.69
CA GLU B 23 29.46 6.43 0.68
C GLU B 23 28.21 7.04 1.31
N ARG B 24 27.46 7.83 0.51
CA ARG B 24 26.23 8.45 0.97
C ARG B 24 25.17 7.39 1.30
N ALA B 25 25.07 6.38 0.43
CA ALA B 25 24.09 5.30 0.63
C ALA B 25 24.36 4.57 1.94
N ALA B 26 25.63 4.33 2.20
CA ALA B 26 26.08 3.67 3.42
C ALA B 26 25.68 4.46 4.66
N LYS B 27 25.91 5.78 4.58
CA LYS B 27 25.55 6.69 5.66
C LYS B 27 24.02 6.76 5.84
N ALA B 28 23.31 6.77 4.71
CA ALA B 28 21.85 6.83 4.72
C ALA B 28 21.27 5.63 5.46
N LYS B 29 21.83 4.45 5.21
CA LYS B 29 21.37 3.24 5.88
C LYS B 29 21.54 3.36 7.40
N GLU B 30 22.68 3.90 7.83
CA GLU B 30 22.97 4.09 9.25
C GLU B 30 21.97 5.02 9.93
N LEU B 31 21.69 6.16 9.31
CA LEU B 31 20.75 7.14 9.84
C LEU B 31 19.34 6.60 9.96
N LEU B 32 18.89 5.89 8.92
CA LEU B 32 17.55 5.32 8.92
C LEU B 32 17.39 4.24 9.98
N ALA B 33 18.47 3.49 10.20
CA ALA B 33 18.46 2.42 11.20
C ALA B 33 18.19 2.96 12.60
N LYS B 34 18.52 4.22 12.82
CA LYS B 34 18.31 4.90 14.10
C LYS B 34 16.91 5.52 14.23
N ASN B 35 16.17 5.58 13.14
CA ASN B 35 14.83 6.16 13.17
C ASN B 35 13.78 5.18 13.70
N PRO B 36 13.13 5.53 14.83
CA PRO B 36 12.09 4.72 15.48
C PRO B 36 10.83 4.50 14.65
N SER B 37 10.57 5.37 13.69
CA SER B 37 9.37 5.24 12.85
C SER B 37 9.51 4.31 11.65
N ILE B 38 10.70 3.73 11.48
CA ILE B 38 10.96 2.84 10.35
C ILE B 38 10.80 1.35 10.62
N ALA B 39 10.01 0.71 9.78
CA ALA B 39 9.77 -0.73 9.87
C ALA B 39 10.70 -1.49 8.94
N HIS B 40 11.08 -0.88 7.82
CA HIS B 40 11.94 -1.55 6.85
C HIS B 40 12.56 -0.58 5.84
N VAL B 41 13.79 -0.86 5.43
CA VAL B 41 14.49 -0.04 4.44
C VAL B 41 14.90 -0.96 3.29
N PHE B 42 14.46 -0.64 2.08
CA PHE B 42 14.83 -1.42 0.91
C PHE B 42 15.83 -0.64 0.06
N PHE B 43 16.98 -1.27 -0.17
CA PHE B 43 18.03 -0.68 -0.99
C PHE B 43 18.23 -1.62 -2.16
N PRO B 44 17.83 -1.16 -3.36
CA PRO B 44 17.91 -1.91 -4.62
C PRO B 44 19.21 -2.66 -4.94
N PHE B 45 20.35 -2.12 -4.52
CA PHE B 45 21.63 -2.77 -4.78
C PHE B 45 22.06 -3.83 -3.76
N ASP B 46 21.27 -4.02 -2.70
CA ASP B 46 21.61 -5.00 -1.67
C ASP B 46 21.61 -6.45 -2.11
N ASP B 47 20.47 -6.94 -2.58
CA ASP B 47 20.37 -8.34 -3.00
C ASP B 47 20.90 -8.63 -4.40
N GLY B 48 20.00 -8.72 -5.37
CA GLY B 48 20.41 -9.02 -6.73
C GLY B 48 20.02 -10.43 -7.10
N PHE B 49 19.64 -10.60 -8.35
CA PHE B 49 19.23 -11.87 -8.90
C PHE B 49 20.38 -12.48 -9.69
N THR B 50 20.49 -13.80 -9.64
CA THR B 50 21.52 -14.51 -10.39
C THR B 50 20.85 -15.39 -11.45
N ASP B 51 21.23 -15.19 -12.70
CA ASP B 51 20.72 -15.97 -13.81
C ASP B 51 21.70 -17.11 -14.09
N PRO B 52 21.25 -18.37 -13.84
CA PRO B 52 22.06 -19.57 -14.05
C PRO B 52 22.56 -19.69 -15.49
N ASP B 53 21.75 -19.25 -16.44
CA ASP B 53 22.10 -19.31 -17.86
C ASP B 53 23.06 -18.20 -18.28
N GLU B 54 23.23 -17.21 -17.41
CA GLU B 54 24.13 -16.10 -17.72
C GLU B 54 25.57 -16.51 -17.46
N LYS B 55 26.30 -16.77 -18.55
CA LYS B 55 27.70 -17.16 -18.46
C LYS B 55 28.59 -15.93 -18.38
N ASN B 56 29.44 -15.90 -17.37
CA ASN B 56 30.37 -14.79 -17.13
C ASN B 56 29.76 -13.40 -17.29
N PRO B 57 28.88 -13.01 -16.36
CA PRO B 57 28.23 -11.69 -16.39
C PRO B 57 29.23 -10.57 -16.18
N GLU B 58 29.14 -9.55 -17.02
CA GLU B 58 30.02 -8.40 -16.90
C GLU B 58 29.17 -7.22 -16.47
N ILE B 59 29.45 -6.69 -15.28
CA ILE B 59 28.69 -5.58 -14.73
C ILE B 59 29.02 -4.32 -15.53
N GLY B 60 28.13 -3.95 -16.44
CA GLY B 60 28.33 -2.79 -17.29
C GLY B 60 28.13 -3.17 -18.75
N GLY B 61 28.17 -4.47 -19.02
CA GLY B 61 27.99 -4.97 -20.37
C GLY B 61 26.59 -5.53 -20.57
N ILE B 62 26.41 -6.28 -21.65
CA ILE B 62 25.11 -6.88 -21.99
C ILE B 62 24.67 -7.89 -20.94
N ARG B 63 23.42 -7.76 -20.49
CA ARG B 63 22.88 -8.68 -19.50
C ARG B 63 21.73 -9.44 -20.14
N SER B 64 21.48 -10.66 -19.65
CA SER B 64 20.40 -11.48 -20.19
C SER B 64 19.05 -10.85 -19.92
N MET B 65 18.08 -11.13 -20.78
CA MET B 65 16.75 -10.58 -20.63
C MET B 65 16.15 -11.04 -19.32
N VAL B 66 16.42 -12.29 -18.93
CA VAL B 66 15.92 -12.84 -17.67
C VAL B 66 16.44 -12.03 -16.48
N TRP B 67 17.73 -11.70 -16.48
CA TRP B 67 18.31 -10.92 -15.38
C TRP B 67 17.75 -9.51 -15.38
N ARG B 68 17.59 -8.94 -16.58
CA ARG B 68 17.06 -7.60 -16.72
C ARG B 68 15.64 -7.52 -16.14
N ASP B 69 14.81 -8.50 -16.48
CA ASP B 69 13.43 -8.53 -15.98
C ASP B 69 13.36 -8.70 -14.47
N ALA B 70 14.12 -9.66 -13.95
CA ALA B 70 14.12 -9.96 -12.52
C ALA B 70 14.61 -8.76 -11.72
N THR B 71 15.65 -8.11 -12.22
CA THR B 71 16.24 -6.98 -11.53
C THR B 71 15.35 -5.75 -11.60
N TYR B 72 14.83 -5.45 -12.79
CA TYR B 72 13.91 -4.32 -12.98
C TYR B 72 12.70 -4.53 -12.08
N GLN B 73 12.18 -5.76 -12.05
CA GLN B 73 11.01 -6.08 -11.24
C GLN B 73 11.28 -5.96 -9.74
N ASN B 74 12.49 -6.31 -9.31
CA ASN B 74 12.86 -6.18 -7.91
C ASN B 74 12.83 -4.70 -7.54
N ASP B 75 13.29 -3.85 -8.47
CA ASP B 75 13.31 -2.40 -8.27
C ASP B 75 11.88 -1.83 -8.16
N LEU B 76 10.93 -2.41 -8.90
CA LEU B 76 9.54 -1.95 -8.84
C LEU B 76 8.83 -2.53 -7.61
N THR B 77 9.19 -3.75 -7.24
CA THR B 77 8.60 -4.43 -6.08
C THR B 77 8.90 -3.63 -4.81
N GLY B 78 10.11 -3.07 -4.75
CA GLY B 78 10.49 -2.26 -3.61
C GLY B 78 9.62 -1.02 -3.54
N ILE B 79 9.32 -0.43 -4.70
CA ILE B 79 8.47 0.75 -4.74
C ILE B 79 7.06 0.39 -4.29
N SER B 80 6.55 -0.76 -4.77
CA SER B 80 5.21 -1.22 -4.42
C SER B 80 5.09 -1.47 -2.91
N ASN B 81 6.10 -2.15 -2.35
CA ASN B 81 6.14 -2.44 -0.92
C ASN B 81 6.31 -1.19 -0.05
N ALA B 82 7.13 -0.26 -0.51
CA ALA B 82 7.40 0.97 0.24
C ALA B 82 6.20 1.89 0.45
N THR B 83 6.26 2.67 1.54
CA THR B 83 5.22 3.66 1.85
C THR B 83 5.75 5.04 1.46
N CYS B 84 7.07 5.16 1.35
CA CYS B 84 7.70 6.45 1.03
C CYS B 84 9.03 6.24 0.33
N GLY B 85 9.38 7.17 -0.57
CA GLY B 85 10.66 7.07 -1.25
C GLY B 85 11.65 8.07 -0.69
N VAL B 86 12.91 7.66 -0.54
CA VAL B 86 13.96 8.55 -0.07
C VAL B 86 15.07 8.46 -1.12
N PHE B 87 15.32 9.56 -1.83
CA PHE B 87 16.33 9.55 -2.87
C PHE B 87 17.56 10.40 -2.59
N LEU B 88 18.71 9.73 -2.64
CA LEU B 88 20.01 10.35 -2.45
C LEU B 88 20.27 10.85 -3.86
N TYR B 89 19.77 12.04 -4.14
CA TYR B 89 19.85 12.63 -5.46
C TYR B 89 21.13 13.39 -5.75
N ASP B 90 21.93 12.85 -6.65
CA ASP B 90 23.18 13.46 -7.04
C ASP B 90 22.91 14.61 -8.00
N MET B 91 23.06 15.84 -7.51
CA MET B 91 22.82 17.03 -8.33
C MET B 91 23.92 17.32 -9.36
N ASP B 92 25.05 16.62 -9.26
CA ASP B 92 26.18 16.84 -10.18
C ASP B 92 26.16 15.91 -11.40
N GLN B 93 25.81 14.65 -11.16
CA GLN B 93 25.71 13.65 -12.21
C GLN B 93 24.29 13.09 -12.12
N LEU B 94 23.39 13.65 -12.92
CA LEU B 94 22.00 13.21 -12.90
C LEU B 94 21.86 11.73 -13.19
N ASP B 95 21.04 11.07 -12.39
CA ASP B 95 20.80 9.64 -12.56
C ASP B 95 19.37 9.43 -13.05
N ASP B 96 19.22 8.97 -14.29
CA ASP B 96 17.89 8.73 -14.83
C ASP B 96 17.13 7.60 -14.13
N GLY B 97 17.85 6.66 -13.55
CA GLY B 97 17.20 5.55 -12.85
C GLY B 97 16.41 6.11 -11.67
N SER B 98 17.06 6.98 -10.90
CA SER B 98 16.43 7.60 -9.74
C SER B 98 15.25 8.49 -10.18
N ALA B 99 15.45 9.25 -11.24
CA ALA B 99 14.40 10.13 -11.75
C ALA B 99 13.18 9.32 -12.20
N PHE B 100 13.42 8.21 -12.88
CA PHE B 100 12.35 7.31 -13.36
C PHE B 100 11.59 6.83 -12.13
N GLU B 101 12.34 6.43 -11.10
CA GLU B 101 11.76 5.90 -9.88
C GLU B 101 10.95 6.95 -9.12
N ILE B 102 11.39 8.20 -9.15
CA ILE B 102 10.67 9.28 -8.49
C ILE B 102 9.33 9.49 -9.20
N GLY B 103 9.36 9.53 -10.53
CA GLY B 103 8.15 9.71 -11.31
C GLY B 103 7.15 8.58 -11.12
N PHE B 104 7.68 7.35 -11.11
CA PHE B 104 6.86 6.16 -10.94
C PHE B 104 6.12 6.24 -9.60
N MET B 105 6.87 6.54 -8.54
CA MET B 105 6.29 6.64 -7.20
C MET B 105 5.19 7.70 -7.11
N ARG B 106 5.43 8.86 -7.72
CA ARG B 106 4.45 9.95 -7.70
C ARG B 106 3.21 9.58 -8.48
N ALA B 107 3.35 8.83 -9.56
CA ALA B 107 2.19 8.40 -10.35
C ALA B 107 1.34 7.50 -9.44
N MET B 108 1.97 6.91 -8.43
CA MET B 108 1.29 6.03 -7.48
C MET B 108 0.81 6.78 -6.24
N HIS B 109 1.00 8.11 -6.24
CA HIS B 109 0.59 9.00 -5.15
C HIS B 109 1.36 8.81 -3.85
N LYS B 110 2.52 8.15 -3.92
CA LYS B 110 3.35 7.91 -2.74
C LYS B 110 4.27 9.11 -2.50
N PRO B 111 4.45 9.50 -1.23
CA PRO B 111 5.32 10.63 -0.90
C PRO B 111 6.77 10.32 -1.27
N VAL B 112 7.52 11.34 -1.65
CA VAL B 112 8.91 11.21 -2.05
C VAL B 112 9.79 12.24 -1.38
N ILE B 113 10.76 11.76 -0.61
CA ILE B 113 11.71 12.64 0.06
C ILE B 113 12.94 12.78 -0.83
N LEU B 114 13.26 14.01 -1.21
CA LEU B 114 14.44 14.25 -2.04
C LEU B 114 15.54 14.69 -1.10
N VAL B 115 16.69 14.05 -1.18
CA VAL B 115 17.85 14.40 -0.35
C VAL B 115 18.96 14.69 -1.34
N PRO B 116 18.99 15.93 -1.87
CA PRO B 116 20.00 16.35 -2.84
C PRO B 116 21.41 16.48 -2.27
N PHE B 117 22.38 16.07 -3.08
CA PHE B 117 23.80 16.14 -2.71
C PHE B 117 24.58 16.79 -3.83
N THR B 118 25.48 17.69 -3.48
CA THR B 118 26.32 18.36 -4.45
C THR B 118 27.72 18.50 -3.84
N GLU B 119 28.74 18.32 -4.66
CA GLU B 119 30.12 18.44 -4.22
C GLU B 119 30.53 19.91 -4.38
N HIS B 120 29.61 20.73 -4.87
CA HIS B 120 29.86 22.15 -5.09
C HIS B 120 28.70 22.95 -4.45
N PRO B 121 28.70 23.04 -3.11
CA PRO B 121 27.67 23.74 -2.31
C PRO B 121 27.46 25.21 -2.68
N GLU B 122 28.47 25.80 -3.31
CA GLU B 122 28.43 27.21 -3.69
C GLU B 122 27.88 27.52 -5.07
N LYS B 123 27.81 26.52 -5.95
CA LYS B 123 27.29 26.75 -7.31
C LYS B 123 25.79 27.04 -7.33
N GLU B 124 25.35 27.64 -8.43
CA GLU B 124 23.94 28.00 -8.61
C GLU B 124 23.01 26.82 -8.38
N LYS B 125 21.94 27.05 -7.63
CA LYS B 125 20.96 26.02 -7.34
C LYS B 125 19.84 26.03 -8.39
N LYS B 126 19.78 24.97 -9.18
CA LYS B 126 18.79 24.82 -10.24
C LYS B 126 18.28 23.38 -10.22
N MET B 127 16.99 23.20 -10.49
CA MET B 127 16.38 21.87 -10.49
C MET B 127 15.31 21.77 -11.56
N ASN B 128 15.18 20.59 -12.18
CA ASN B 128 14.16 20.38 -13.20
C ASN B 128 12.79 20.51 -12.52
N LEU B 129 11.84 21.17 -13.18
CA LEU B 129 10.50 21.36 -12.63
C LEU B 129 9.85 20.06 -12.18
N MET B 130 10.00 19.00 -12.97
CA MET B 130 9.39 17.72 -12.62
C MET B 130 9.90 17.23 -11.26
N ILE B 131 11.21 17.31 -11.07
CA ILE B 131 11.78 16.91 -9.79
C ILE B 131 11.34 17.88 -8.68
N ALA B 132 11.49 19.18 -8.93
CA ALA B 132 11.13 20.21 -7.95
C ALA B 132 9.66 20.22 -7.51
N GLN B 133 8.75 19.86 -8.41
CA GLN B 133 7.34 19.86 -8.10
C GLN B 133 6.82 18.46 -7.78
N GLY B 134 7.52 17.44 -8.28
CA GLY B 134 7.13 16.07 -8.05
C GLY B 134 7.37 15.61 -6.63
N VAL B 135 8.53 15.93 -6.07
CA VAL B 135 8.86 15.53 -4.71
C VAL B 135 7.96 16.25 -3.70
N THR B 136 7.62 15.54 -2.63
CA THR B 136 6.76 16.10 -1.59
C THR B 136 7.51 16.69 -0.39
N THR B 137 8.75 16.25 -0.19
CA THR B 137 9.56 16.75 0.93
C THR B 137 11.03 16.79 0.55
N ILE B 138 11.69 17.90 0.87
CA ILE B 138 13.12 18.02 0.61
C ILE B 138 13.90 18.12 1.92
N ILE B 139 15.01 17.38 1.98
CA ILE B 139 15.90 17.39 3.13
C ILE B 139 17.27 17.52 2.48
N ASP B 140 17.89 18.68 2.59
CA ASP B 140 19.19 18.91 2.00
C ASP B 140 20.22 17.88 2.50
N GLY B 141 20.90 17.22 1.56
CA GLY B 141 21.90 16.24 1.91
C GLY B 141 23.20 16.84 2.43
N ASN B 142 23.57 17.99 1.90
CA ASN B 142 24.80 18.66 2.34
C ASN B 142 24.74 19.22 3.75
N THR B 143 23.56 19.67 4.19
CA THR B 143 23.43 20.25 5.52
C THR B 143 22.45 19.61 6.49
N GLU B 144 21.48 18.86 5.98
CA GLU B 144 20.48 18.27 6.87
C GLU B 144 20.39 16.74 6.79
N PHE B 145 21.44 16.11 6.27
CA PHE B 145 21.49 14.66 6.12
C PHE B 145 21.01 13.91 7.36
N GLU B 146 21.46 14.37 8.52
CA GLU B 146 21.13 13.77 9.82
C GLU B 146 19.65 13.71 10.16
N LYS B 147 18.85 14.59 9.57
CA LYS B 147 17.42 14.62 9.83
C LYS B 147 16.68 13.32 9.46
N LEU B 148 17.33 12.49 8.65
CA LEU B 148 16.74 11.21 8.24
C LEU B 148 16.55 10.29 9.46
N ALA B 149 17.35 10.54 10.49
CA ALA B 149 17.29 9.76 11.71
C ALA B 149 16.10 10.10 12.60
N ASP B 150 15.50 11.28 12.41
CA ASP B 150 14.38 11.71 13.23
C ASP B 150 13.07 11.99 12.50
N TYR B 151 13.14 12.14 11.17
CA TYR B 151 11.96 12.40 10.34
C TYR B 151 10.87 11.37 10.63
N ASN B 152 9.63 11.84 10.76
CA ASN B 152 8.50 10.96 11.06
C ASN B 152 7.94 10.24 9.85
N PHE B 153 8.48 9.06 9.56
CA PHE B 153 8.02 8.27 8.41
C PHE B 153 6.64 7.63 8.55
N ASN B 154 6.02 7.77 9.73
CA ASN B 154 4.67 7.24 9.93
C ASN B 154 3.67 8.20 9.29
N GLU B 155 4.07 9.46 9.13
CA GLU B 155 3.18 10.47 8.57
C GLU B 155 3.77 11.27 7.39
N CYS B 156 5.10 11.27 7.27
CA CYS B 156 5.80 11.96 6.17
C CYS B 156 5.34 13.39 5.86
N PRO B 157 5.58 14.34 6.78
CA PRO B 157 5.19 15.76 6.60
C PRO B 157 5.85 16.31 5.34
N SER B 158 5.10 17.06 4.54
CA SER B 158 5.62 17.63 3.29
C SER B 158 6.92 18.45 3.46
N ASN B 159 6.98 19.59 2.79
CA ASN B 159 8.09 20.56 2.81
C ASN B 159 8.53 20.73 1.38
N PRO B 160 7.76 21.53 0.62
CA PRO B 160 7.99 21.83 -0.79
C PRO B 160 9.38 22.35 -1.07
N VAL B 161 9.86 22.05 -2.27
CA VAL B 161 11.16 22.51 -2.71
C VAL B 161 11.03 24.00 -2.96
N ARG B 162 11.95 24.76 -2.39
CA ARG B 162 12.00 26.21 -2.55
C ARG B 162 13.48 26.60 -2.62
N GLY B 163 13.77 27.78 -3.15
CA GLY B 163 15.16 28.22 -3.21
C GLY B 163 15.94 27.75 -4.41
N TYR B 164 15.32 26.92 -5.26
CA TYR B 164 15.98 26.41 -6.46
C TYR B 164 15.40 27.07 -7.69
N GLY B 165 16.26 27.45 -8.63
CA GLY B 165 15.82 28.04 -9.87
C GLY B 165 15.20 26.93 -10.70
N ILE B 166 14.11 27.23 -11.39
CA ILE B 166 13.41 26.22 -12.18
C ILE B 166 13.69 26.34 -13.67
N TYR B 167 14.03 25.22 -14.31
CA TYR B 167 14.28 25.22 -15.75
C TYR B 167 13.39 24.21 -16.47
N MET C 1 16.13 -4.74 3.51
CA MET C 1 16.27 -5.97 4.34
C MET C 1 16.35 -5.60 5.82
N LYS C 2 16.38 -6.63 6.67
CA LYS C 2 16.46 -6.49 8.12
C LYS C 2 15.29 -5.66 8.67
N ALA C 3 14.09 -6.24 8.59
CA ALA C 3 12.88 -5.57 9.06
C ALA C 3 12.81 -5.53 10.58
N VAL C 4 12.39 -4.38 11.11
CA VAL C 4 12.25 -4.18 12.55
C VAL C 4 11.06 -5.01 13.02
N VAL C 5 10.00 -4.98 12.23
CA VAL C 5 8.77 -5.74 12.49
C VAL C 5 8.42 -6.39 11.16
N PRO C 6 7.68 -7.51 11.19
CA PRO C 6 7.29 -8.18 9.95
C PRO C 6 6.42 -7.21 9.13
N THR C 7 6.62 -7.18 7.81
CA THR C 7 5.83 -6.27 6.95
C THR C 7 5.06 -7.00 5.85
N GLY C 8 5.26 -8.31 5.76
CA GLY C 8 4.59 -9.09 4.73
C GLY C 8 3.10 -9.26 4.97
N LYS C 9 2.30 -8.75 4.05
CA LYS C 9 0.84 -8.88 4.12
C LYS C 9 0.47 -9.64 2.85
N ILE C 10 0.18 -10.92 3.05
CA ILE C 10 -0.15 -11.85 1.99
C ILE C 10 -1.61 -11.98 1.61
N TYR C 11 -1.88 -11.92 0.30
CA TYR C 11 -3.23 -12.16 -0.20
C TYR C 11 -3.08 -13.60 -0.70
N LEU C 12 -3.60 -14.56 0.07
CA LEU C 12 -3.51 -15.95 -0.30
C LEU C 12 -4.64 -16.33 -1.24
N GLY C 13 -4.37 -16.19 -2.53
CA GLY C 13 -5.35 -16.50 -3.54
C GLY C 13 -5.38 -17.98 -3.87
N SER C 14 -6.58 -18.51 -4.07
CA SER C 14 -6.72 -19.93 -4.38
C SER C 14 -8.16 -20.36 -4.64
N PRO C 15 -8.33 -21.44 -5.43
CA PRO C 15 -9.66 -21.96 -5.70
C PRO C 15 -9.98 -22.73 -4.40
N PHE C 16 -11.25 -23.00 -4.13
CA PHE C 16 -11.60 -23.70 -2.88
C PHE C 16 -12.84 -24.54 -3.16
N TYR C 17 -12.82 -25.23 -4.29
CA TYR C 17 -13.97 -26.01 -4.68
C TYR C 17 -13.80 -27.53 -4.57
N SER C 18 -12.57 -28.02 -4.61
CA SER C 18 -12.32 -29.46 -4.48
C SER C 18 -11.51 -29.77 -3.22
N ASP C 19 -11.44 -31.05 -2.87
CA ASP C 19 -10.71 -31.48 -1.68
C ASP C 19 -9.21 -31.19 -1.82
N ALA C 20 -8.66 -31.49 -2.99
CA ALA C 20 -7.24 -31.27 -3.25
C ALA C 20 -6.87 -29.80 -3.06
N GLN C 21 -7.71 -28.90 -3.57
CA GLN C 21 -7.47 -27.46 -3.46
C GLN C 21 -7.54 -26.99 -2.01
N ARG C 22 -8.55 -27.48 -1.29
CA ARG C 22 -8.74 -27.13 0.11
C ARG C 22 -7.55 -27.58 0.95
N GLU C 23 -7.03 -28.76 0.63
CA GLU C 23 -5.89 -29.33 1.33
C GLU C 23 -4.66 -28.44 1.13
N ARG C 24 -4.47 -27.96 -0.09
CA ARG C 24 -3.35 -27.10 -0.43
C ARG C 24 -3.43 -25.80 0.38
N ALA C 25 -4.62 -25.21 0.40
CA ALA C 25 -4.88 -23.97 1.14
C ALA C 25 -4.58 -24.12 2.62
N ALA C 26 -4.96 -25.27 3.18
CA ALA C 26 -4.73 -25.54 4.59
C ALA C 26 -3.24 -25.64 4.87
N LYS C 27 -2.53 -26.35 4.00
CA LYS C 27 -1.08 -26.53 4.16
C LYS C 27 -0.35 -25.20 3.98
N ALA C 28 -0.80 -24.40 3.01
CA ALA C 28 -0.21 -23.10 2.73
C ALA C 28 -0.30 -22.23 3.99
N LYS C 29 -1.45 -22.27 4.65
CA LYS C 29 -1.65 -21.49 5.87
C LYS C 29 -0.62 -21.88 6.94
N GLU C 30 -0.41 -23.17 7.10
CA GLU C 30 0.55 -23.68 8.08
C GLU C 30 1.96 -23.19 7.78
N LEU C 31 2.37 -23.30 6.52
CA LEU C 31 3.70 -22.89 6.09
C LEU C 31 3.92 -21.40 6.26
N LEU C 32 2.94 -20.59 5.86
CA LEU C 32 3.02 -19.15 5.97
C LEU C 32 3.10 -18.71 7.44
N ALA C 33 2.42 -19.44 8.31
CA ALA C 33 2.43 -19.13 9.73
C ALA C 33 3.84 -19.26 10.32
N LYS C 34 4.68 -20.09 9.71
CA LYS C 34 6.05 -20.30 10.18
C LYS C 34 7.04 -19.26 9.65
N ASN C 35 6.59 -18.41 8.73
CA ASN C 35 7.46 -17.40 8.13
C ASN C 35 7.52 -16.13 8.97
N PRO C 36 8.72 -15.82 9.51
CA PRO C 36 8.91 -14.63 10.34
C PRO C 36 8.81 -13.28 9.63
N SER C 37 8.74 -13.30 8.29
CA SER C 37 8.66 -12.06 7.52
C SER C 37 7.22 -11.62 7.31
N ILE C 38 6.28 -12.45 7.74
CA ILE C 38 4.86 -12.18 7.56
C ILE C 38 4.17 -11.52 8.73
N ALA C 39 3.38 -10.50 8.43
CA ALA C 39 2.63 -9.76 9.45
C ALA C 39 1.17 -10.23 9.45
N HIS C 40 0.65 -10.53 8.25
CA HIS C 40 -0.74 -10.96 8.12
C HIS C 40 -0.97 -11.76 6.83
N VAL C 41 -1.91 -12.70 6.90
CA VAL C 41 -2.29 -13.54 5.78
C VAL C 41 -3.79 -13.46 5.63
N PHE C 42 -4.25 -13.04 4.45
CA PHE C 42 -5.67 -12.94 4.17
C PHE C 42 -6.09 -14.04 3.23
N PHE C 43 -7.02 -14.88 3.69
CA PHE C 43 -7.54 -15.96 2.88
C PHE C 43 -9.02 -15.64 2.70
N PRO C 44 -9.42 -15.27 1.47
CA PRO C 44 -10.79 -14.91 1.08
C PRO C 44 -11.93 -15.82 1.51
N PHE C 45 -11.66 -17.12 1.69
CA PHE C 45 -12.71 -18.05 2.08
C PHE C 45 -12.92 -18.21 3.59
N ASP C 46 -12.09 -17.54 4.39
CA ASP C 46 -12.17 -17.62 5.85
C ASP C 46 -13.51 -17.13 6.41
N ASP C 47 -13.72 -15.82 6.33
CA ASP C 47 -14.95 -15.22 6.82
C ASP C 47 -15.78 -14.67 5.68
N GLY C 48 -17.03 -15.08 5.64
CA GLY C 48 -17.92 -14.63 4.60
C GLY C 48 -18.90 -13.58 5.10
N PHE C 49 -19.67 -13.02 4.18
CA PHE C 49 -20.66 -12.02 4.51
C PHE C 49 -22.02 -12.70 4.56
N THR C 50 -22.88 -12.24 5.47
CA THR C 50 -24.22 -12.79 5.59
C THR C 50 -25.25 -11.70 5.34
N ASP C 51 -26.06 -11.90 4.30
CA ASP C 51 -27.13 -10.98 3.94
C ASP C 51 -28.38 -11.47 4.70
N PRO C 52 -28.80 -10.74 5.75
CA PRO C 52 -29.98 -11.11 6.55
C PRO C 52 -31.24 -11.23 5.72
N ASP C 53 -31.25 -10.54 4.57
CA ASP C 53 -32.40 -10.53 3.66
C ASP C 53 -32.42 -11.75 2.75
N GLU C 54 -31.27 -12.39 2.59
CA GLU C 54 -31.15 -13.57 1.74
C GLU C 54 -31.76 -14.79 2.45
N LYS C 55 -32.95 -15.17 1.98
CA LYS C 55 -33.71 -16.30 2.53
C LYS C 55 -32.91 -17.57 2.80
N ASN C 56 -32.91 -18.49 1.83
CA ASN C 56 -32.17 -19.74 1.98
C ASN C 56 -30.97 -19.77 1.03
N PRO C 57 -29.78 -19.38 1.54
CA PRO C 57 -28.54 -19.35 0.75
C PRO C 57 -28.15 -20.71 0.20
N GLU C 58 -28.01 -20.78 -1.12
CA GLU C 58 -27.63 -22.01 -1.78
C GLU C 58 -26.24 -21.81 -2.40
N ILE C 59 -25.24 -22.46 -1.82
CA ILE C 59 -23.86 -22.35 -2.31
C ILE C 59 -23.79 -22.95 -3.72
N GLY C 60 -23.81 -22.07 -4.71
CA GLY C 60 -23.79 -22.50 -6.10
C GLY C 60 -25.04 -22.00 -6.79
N GLY C 61 -26.01 -21.53 -6.00
CA GLY C 61 -27.25 -21.00 -6.53
C GLY C 61 -27.14 -19.52 -6.86
N ILE C 62 -28.25 -18.94 -7.30
CA ILE C 62 -28.32 -17.53 -7.71
C ILE C 62 -27.60 -16.50 -6.81
N ARG C 63 -28.06 -16.35 -5.58
CA ARG C 63 -27.46 -15.42 -4.61
C ARG C 63 -27.74 -13.92 -4.85
N SER C 64 -28.12 -13.24 -3.77
CA SER C 64 -28.46 -11.81 -3.80
C SER C 64 -27.31 -10.90 -4.25
N MET C 65 -27.69 -9.78 -4.84
CA MET C 65 -26.72 -8.81 -5.34
C MET C 65 -25.96 -8.16 -4.18
N VAL C 66 -26.61 -8.07 -3.03
CA VAL C 66 -25.99 -7.50 -1.82
C VAL C 66 -24.83 -8.39 -1.37
N TRP C 67 -25.08 -9.70 -1.30
CA TRP C 67 -24.05 -10.65 -0.89
C TRP C 67 -22.91 -10.65 -1.92
N ARG C 68 -23.26 -10.61 -3.20
CA ARG C 68 -22.28 -10.59 -4.28
C ARG C 68 -21.37 -9.37 -4.15
N ASP C 69 -21.98 -8.19 -4.01
CA ASP C 69 -21.25 -6.93 -3.86
C ASP C 69 -20.30 -6.96 -2.68
N ALA C 70 -20.82 -7.38 -1.53
CA ALA C 70 -20.02 -7.44 -0.31
C ALA C 70 -18.86 -8.41 -0.41
N THR C 71 -19.12 -9.60 -0.92
CA THR C 71 -18.11 -10.65 -1.04
C THR C 71 -17.03 -10.27 -2.06
N TYR C 72 -17.46 -9.75 -3.21
CA TYR C 72 -16.55 -9.32 -4.26
C TYR C 72 -15.63 -8.25 -3.66
N GLN C 73 -16.21 -7.32 -2.93
CA GLN C 73 -15.42 -6.25 -2.32
C GLN C 73 -14.47 -6.77 -1.26
N ASN C 74 -14.86 -7.82 -0.54
CA ASN C 74 -13.97 -8.38 0.47
C ASN C 74 -12.72 -8.92 -0.20
N ASP C 75 -12.90 -9.55 -1.36
CA ASP C 75 -11.79 -10.12 -2.13
C ASP C 75 -10.87 -9.03 -2.71
N LEU C 76 -11.42 -7.84 -2.99
CA LEU C 76 -10.62 -6.74 -3.52
C LEU C 76 -9.91 -6.03 -2.37
N THR C 77 -10.61 -5.94 -1.25
CA THR C 77 -10.08 -5.31 -0.05
C THR C 77 -8.83 -6.07 0.42
N GLY C 78 -8.86 -7.40 0.30
CA GLY C 78 -7.71 -8.19 0.68
C GLY C 78 -6.52 -7.86 -0.21
N ILE C 79 -6.79 -7.63 -1.49
CA ILE C 79 -5.74 -7.29 -2.44
C ILE C 79 -5.18 -5.90 -2.10
N SER C 80 -6.09 -4.96 -1.82
CA SER C 80 -5.72 -3.60 -1.47
C SER C 80 -4.82 -3.58 -0.23
N ASN C 81 -5.25 -4.26 0.82
CA ASN C 81 -4.47 -4.31 2.06
C ASN C 81 -3.13 -5.04 1.91
N ALA C 82 -3.12 -6.10 1.11
CA ALA C 82 -1.93 -6.92 0.89
C ALA C 82 -0.73 -6.23 0.22
N THR C 83 0.46 -6.68 0.57
CA THR C 83 1.69 -6.15 -0.05
C THR C 83 2.12 -7.13 -1.14
N CYS C 84 1.65 -8.38 -1.03
CA CYS C 84 2.04 -9.40 -1.99
C CYS C 84 0.97 -10.46 -2.19
N GLY C 85 0.93 -11.00 -3.40
CA GLY C 85 -0.02 -12.07 -3.71
C GLY C 85 0.68 -13.42 -3.72
N VAL C 86 0.00 -14.45 -3.24
CA VAL C 86 0.52 -15.82 -3.22
C VAL C 86 -0.63 -16.70 -3.71
N PHE C 87 -0.51 -17.20 -4.93
CA PHE C 87 -1.56 -18.00 -5.52
C PHE C 87 -1.27 -19.48 -5.68
N LEU C 88 -2.13 -20.29 -5.07
CA LEU C 88 -2.06 -21.74 -5.13
C LEU C 88 -2.78 -22.03 -6.44
N TYR C 89 -2.01 -21.98 -7.52
CA TYR C 89 -2.52 -22.12 -8.88
C TYR C 89 -2.70 -23.55 -9.40
N ASP C 90 -3.96 -23.93 -9.58
CA ASP C 90 -4.33 -25.24 -10.08
C ASP C 90 -4.12 -25.26 -11.59
N MET C 91 -3.14 -26.06 -12.03
CA MET C 91 -2.81 -26.15 -13.46
C MET C 91 -3.66 -27.17 -14.24
N ASP C 92 -4.49 -27.93 -13.52
CA ASP C 92 -5.35 -28.95 -14.15
C ASP C 92 -6.76 -28.41 -14.41
N GLN C 93 -7.27 -27.65 -13.45
CA GLN C 93 -8.59 -27.03 -13.56
C GLN C 93 -8.42 -25.54 -13.28
N LEU C 94 -8.10 -24.80 -14.34
CA LEU C 94 -7.86 -23.37 -14.25
C LEU C 94 -8.98 -22.60 -13.54
N ASP C 95 -8.57 -21.75 -12.60
CA ASP C 95 -9.51 -20.93 -11.85
C ASP C 95 -9.45 -19.49 -12.35
N ASP C 96 -10.50 -19.07 -13.05
CA ASP C 96 -10.56 -17.71 -13.56
C ASP C 96 -10.63 -16.63 -12.47
N GLY C 97 -11.16 -16.99 -11.29
CA GLY C 97 -11.23 -16.04 -10.19
C GLY C 97 -9.80 -15.68 -9.81
N SER C 98 -8.97 -16.72 -9.69
CA SER C 98 -7.56 -16.56 -9.35
C SER C 98 -6.84 -15.73 -10.39
N ALA C 99 -7.11 -16.02 -11.66
CA ALA C 99 -6.47 -15.30 -12.75
C ALA C 99 -6.86 -13.82 -12.78
N PHE C 100 -8.11 -13.54 -12.48
CA PHE C 100 -8.63 -12.17 -12.45
C PHE C 100 -7.85 -11.43 -11.37
N GLU C 101 -7.69 -12.09 -10.24
CA GLU C 101 -6.97 -11.54 -9.10
C GLU C 101 -5.49 -11.27 -9.38
N ILE C 102 -4.84 -12.14 -10.13
CA ILE C 102 -3.43 -11.93 -10.48
C ILE C 102 -3.31 -10.70 -11.40
N GLY C 103 -4.21 -10.60 -12.38
CA GLY C 103 -4.20 -9.46 -13.28
C GLY C 103 -4.45 -8.15 -12.55
N PHE C 104 -5.38 -8.20 -11.59
CA PHE C 104 -5.73 -7.02 -10.79
C PHE C 104 -4.52 -6.57 -9.96
N MET C 105 -3.83 -7.51 -9.33
CA MET C 105 -2.67 -7.20 -8.51
C MET C 105 -1.52 -6.64 -9.33
N ARG C 106 -1.30 -7.19 -10.53
CA ARG C 106 -0.22 -6.69 -11.37
C ARG C 106 -0.53 -5.29 -11.92
N ALA C 107 -1.80 -4.99 -12.12
CA ALA C 107 -2.17 -3.66 -12.60
C ALA C 107 -1.88 -2.64 -11.49
N MET C 108 -1.91 -3.10 -10.24
CA MET C 108 -1.61 -2.24 -9.08
C MET C 108 -0.10 -2.26 -8.78
N HIS C 109 0.66 -2.98 -9.61
CA HIS C 109 2.12 -3.11 -9.49
C HIS C 109 2.61 -3.93 -8.29
N LYS C 110 1.71 -4.70 -7.69
CA LYS C 110 2.10 -5.52 -6.55
C LYS C 110 2.74 -6.82 -7.01
N PRO C 111 3.77 -7.29 -6.29
CA PRO C 111 4.42 -8.55 -6.70
C PRO C 111 3.46 -9.72 -6.52
N VAL C 112 3.64 -10.76 -7.34
CA VAL C 112 2.79 -11.96 -7.28
C VAL C 112 3.60 -13.25 -7.32
N ILE C 113 3.41 -14.09 -6.31
CA ILE C 113 4.10 -15.36 -6.26
C ILE C 113 3.12 -16.40 -6.78
N LEU C 114 3.56 -17.19 -7.76
CA LEU C 114 2.73 -18.25 -8.31
C LEU C 114 3.25 -19.57 -7.77
N VAL C 115 2.35 -20.34 -7.18
CA VAL C 115 2.68 -21.64 -6.63
C VAL C 115 1.80 -22.62 -7.40
N PRO C 116 2.25 -23.04 -8.59
CA PRO C 116 1.48 -23.98 -9.42
C PRO C 116 1.49 -25.42 -8.92
N PHE C 117 0.33 -26.06 -9.04
CA PHE C 117 0.15 -27.44 -8.64
C PHE C 117 -0.48 -28.20 -9.80
N THR C 118 -0.17 -29.49 -9.87
CA THR C 118 -0.72 -30.38 -10.88
C THR C 118 -0.75 -31.79 -10.30
N GLU C 119 -1.79 -32.54 -10.63
CA GLU C 119 -1.92 -33.92 -10.16
C GLU C 119 -1.31 -34.85 -11.22
N HIS C 120 -0.86 -34.25 -12.33
CA HIS C 120 -0.25 -34.98 -13.44
C HIS C 120 1.08 -34.34 -13.81
N PRO C 121 2.14 -34.62 -13.02
CA PRO C 121 3.50 -34.09 -13.21
C PRO C 121 4.15 -34.47 -14.53
N GLU C 122 3.67 -35.56 -15.13
CA GLU C 122 4.19 -36.07 -16.39
C GLU C 122 3.69 -35.31 -17.63
N LYS C 123 2.55 -34.65 -17.50
CA LYS C 123 1.98 -33.91 -18.64
C LYS C 123 2.80 -32.72 -19.11
N GLU C 124 2.48 -32.24 -20.30
CA GLU C 124 3.18 -31.11 -20.91
C GLU C 124 3.14 -29.87 -20.00
N LYS C 125 4.29 -29.22 -19.83
CA LYS C 125 4.40 -28.00 -19.02
C LYS C 125 4.15 -26.81 -19.92
N LYS C 126 2.93 -26.27 -19.85
CA LYS C 126 2.54 -25.12 -20.68
C LYS C 126 1.82 -24.10 -19.80
N MET C 127 2.03 -22.82 -20.09
CA MET C 127 1.40 -21.76 -19.31
C MET C 127 0.96 -20.61 -20.22
N ASN C 128 -0.15 -19.97 -19.87
CA ASN C 128 -0.64 -18.84 -20.65
C ASN C 128 0.38 -17.72 -20.46
N LEU C 129 0.68 -17.01 -21.55
CA LEU C 129 1.66 -15.92 -21.48
C LEU C 129 1.37 -14.88 -20.41
N MET C 130 0.11 -14.52 -20.23
CA MET C 130 -0.26 -13.50 -19.23
C MET C 130 0.15 -13.90 -17.82
N ILE C 131 0.04 -15.18 -17.51
CA ILE C 131 0.42 -15.69 -16.20
C ILE C 131 1.93 -15.83 -16.11
N ALA C 132 2.55 -16.37 -17.15
CA ALA C 132 4.00 -16.58 -17.18
C ALA C 132 4.80 -15.29 -17.09
N GLN C 133 4.28 -14.22 -17.69
CA GLN C 133 4.95 -12.92 -17.67
C GLN C 133 4.43 -11.99 -16.60
N GLY C 134 3.15 -12.15 -16.23
CA GLY C 134 2.56 -11.29 -15.20
C GLY C 134 3.13 -11.58 -13.83
N VAL C 135 3.27 -12.85 -13.51
CA VAL C 135 3.80 -13.28 -12.23
C VAL C 135 5.25 -12.81 -12.08
N THR C 136 5.63 -12.42 -10.87
CA THR C 136 6.99 -11.93 -10.63
C THR C 136 7.92 -12.98 -10.02
N THR C 137 7.33 -13.95 -9.31
CA THR C 137 8.10 -15.01 -8.68
C THR C 137 7.36 -16.34 -8.75
N ILE C 138 8.04 -17.40 -9.15
CA ILE C 138 7.43 -18.73 -9.19
C ILE C 138 8.11 -19.65 -8.19
N ILE C 139 7.29 -20.45 -7.50
CA ILE C 139 7.73 -21.44 -6.52
C ILE C 139 6.83 -22.64 -6.79
N ASP C 140 7.41 -23.70 -7.32
CA ASP C 140 6.65 -24.90 -7.67
C ASP C 140 5.89 -25.50 -6.48
N GLY C 141 4.58 -25.68 -6.66
CA GLY C 141 3.76 -26.24 -5.60
C GLY C 141 4.09 -27.69 -5.33
N ASN C 142 4.38 -28.44 -6.39
CA ASN C 142 4.71 -29.85 -6.31
C ASN C 142 6.05 -30.23 -5.67
N THR C 143 7.06 -29.38 -5.83
CA THR C 143 8.37 -29.71 -5.27
C THR C 143 9.01 -28.69 -4.35
N GLU C 144 8.54 -27.44 -4.40
CA GLU C 144 9.12 -26.39 -3.57
C GLU C 144 8.11 -25.71 -2.66
N PHE C 145 7.00 -26.38 -2.39
CA PHE C 145 5.93 -25.84 -1.55
C PHE C 145 6.43 -25.31 -0.22
N GLU C 146 7.35 -26.05 0.39
CA GLU C 146 7.95 -25.72 1.68
C GLU C 146 8.66 -24.36 1.74
N LYS C 147 9.13 -23.87 0.60
CA LYS C 147 9.81 -22.58 0.55
C LYS C 147 8.96 -21.40 1.05
N LEU C 148 7.65 -21.57 1.02
CA LEU C 148 6.75 -20.51 1.50
C LEU C 148 6.99 -20.17 2.98
N ALA C 149 7.62 -21.09 3.71
CA ALA C 149 7.89 -20.88 5.12
C ALA C 149 9.13 -20.03 5.39
N ASP C 150 10.00 -19.92 4.38
CA ASP C 150 11.24 -19.16 4.52
C ASP C 150 11.40 -17.99 3.54
N TYR C 151 10.56 -17.93 2.52
CA TYR C 151 10.64 -16.84 1.53
C TYR C 151 10.52 -15.48 2.22
N ASN C 152 11.39 -14.56 1.85
CA ASN C 152 11.38 -13.22 2.45
C ASN C 152 10.29 -12.33 1.88
N PHE C 153 9.15 -12.25 2.59
CA PHE C 153 8.04 -11.42 2.15
C PHE C 153 8.20 -9.92 2.45
N ASN C 154 9.30 -9.55 3.09
CA ASN C 154 9.56 -8.14 3.36
C ASN C 154 10.09 -7.51 2.09
N GLU C 155 10.77 -8.31 1.27
CA GLU C 155 11.35 -7.83 0.02
C GLU C 155 10.84 -8.48 -1.27
N CYS C 156 10.25 -9.68 -1.15
CA CYS C 156 9.70 -10.43 -2.29
C CYS C 156 10.60 -10.55 -3.51
N PRO C 157 11.74 -11.27 -3.38
CA PRO C 157 12.71 -11.49 -4.46
C PRO C 157 12.06 -12.04 -5.71
N SER C 158 12.36 -11.45 -6.86
CA SER C 158 11.82 -11.93 -8.13
C SER C 158 12.44 -13.27 -8.55
N ASN C 159 11.69 -14.05 -9.31
CA ASN C 159 12.15 -15.33 -9.86
C ASN C 159 11.24 -15.60 -11.07
N PRO C 160 11.61 -15.07 -12.24
CA PRO C 160 10.86 -15.22 -13.49
C PRO C 160 10.52 -16.66 -13.84
N VAL C 161 9.33 -16.86 -14.41
CA VAL C 161 8.85 -18.17 -14.84
C VAL C 161 9.68 -18.62 -16.04
N ARG C 162 10.14 -19.86 -16.00
CA ARG C 162 10.95 -20.45 -17.07
C ARG C 162 10.68 -21.95 -17.16
N GLY C 163 10.98 -22.53 -18.32
CA GLY C 163 10.77 -23.96 -18.50
C GLY C 163 9.35 -24.36 -18.88
N TYR C 164 8.47 -23.36 -19.04
CA TYR C 164 7.09 -23.63 -19.42
C TYR C 164 6.85 -23.25 -20.86
N GLY C 165 6.20 -24.13 -21.62
CA GLY C 165 5.88 -23.80 -23.00
C GLY C 165 4.86 -22.66 -22.97
N ILE C 166 4.91 -21.77 -23.95
CA ILE C 166 3.98 -20.65 -23.96
C ILE C 166 3.09 -20.65 -25.19
N TYR C 167 1.79 -20.49 -24.96
CA TYR C 167 0.81 -20.45 -26.05
C TYR C 167 0.07 -19.12 -26.12
#